data_4RJW
#
_entry.id   4RJW
#
_cell.length_a   86.971
_cell.length_b   86.971
_cell.length_c   158.500
_cell.angle_alpha   90.00
_cell.angle_beta   90.00
_cell.angle_gamma   120.00
#
_symmetry.space_group_name_H-M   'H 3'
#
loop_
_entity.id
_entity.type
_entity.pdbx_description
1 polymer 'Porin O'
2 non-polymer (HYDROXYETHYLOXY)TRI(ETHYLOXY)OCTANE
3 water water
#
_entity_poly.entity_id   1
_entity_poly.type   'polypeptide(L)'
_entity_poly.pdbx_seq_one_letter_code
;AVNRLQHHHHHHHLEGTVTTDGADIVIKTKGGLEVATTDKEFSFKLGGRLQADYSRFDGFYTKNGNTADAAYFRRAFIEL
GGTAYKDWKYQINFDLSHNTGSSDNGYFDEASVTYTGFNPVNLKFGRFDPDFGLEKATSSKWVTAPERNAAYELADWINT
HQDGMGAQVNSTLADMAYLSAGVSAKDADDSDGDSVKQFNFRGVFAPMHEAGNVLHVGVNYAYRDLDDTAFDSRIRPRLG
MRGIATSGGNDAGDNGNRATFGGVSNSPAGSYKDDSVWGLEGAWAMGPFSAQAEYLARKLKADDNAYKDIKAKGYYAQLA
YTLTGESRQYKLEGAKFDSVKPENKEIGAWEVFYRYDNIKVEDDNVVADTATREVGDTKAKAHNLGVNWYVNDAVKISAA
YVKAKTDKITNNNGDDDGDGFVTRLQYVF
;
_entity_poly.pdbx_strand_id   A
#
loop_
_chem_comp.id
_chem_comp.type
_chem_comp.name
_chem_comp.formula
C8E non-polymer (HYDROXYETHYLOXY)TRI(ETHYLOXY)OCTANE 'C16 H34 O5'
#
# COMPACT_ATOMS: atom_id res chain seq x y z
N ARG A 4 -23.57 -59.25 11.35
CA ARG A 4 -22.49 -59.30 12.32
C ARG A 4 -22.10 -57.91 12.82
N LEU A 5 -22.25 -57.69 14.14
CA LEU A 5 -21.89 -56.40 14.74
C LEU A 5 -20.39 -56.22 14.87
N GLN A 6 -19.94 -54.98 14.72
CA GLN A 6 -18.52 -54.68 14.80
C GLN A 6 -18.04 -54.67 16.25
N HIS A 7 -16.79 -55.05 16.45
CA HIS A 7 -16.22 -55.04 17.79
C HIS A 7 -14.70 -55.01 17.74
N HIS A 8 -14.09 -54.65 18.86
CA HIS A 8 -12.65 -54.54 18.92
C HIS A 8 -12.21 -54.60 20.37
N HIS A 9 -10.97 -55.00 20.60
CA HIS A 9 -10.40 -54.94 21.94
C HIS A 9 -10.26 -53.50 22.35
N HIS A 10 -10.34 -53.24 23.64
CA HIS A 10 -10.20 -51.87 24.13
C HIS A 10 -8.74 -51.45 24.09
N HIS A 11 -8.49 -50.25 23.57
CA HIS A 11 -7.14 -49.71 23.53
C HIS A 11 -6.97 -48.63 24.58
N HIS A 12 -5.80 -48.61 25.22
CA HIS A 12 -5.44 -47.51 26.11
C HIS A 12 -4.53 -46.57 25.33
N HIS A 13 -4.81 -45.27 25.41
CA HIS A 13 -4.00 -44.28 24.72
C HIS A 13 -3.29 -43.40 25.73
N LEU A 14 -2.00 -43.18 25.50
CA LEU A 14 -1.25 -42.20 26.29
C LEU A 14 -1.81 -40.82 25.95
N GLU A 15 -2.05 -40.01 26.98
CA GLU A 15 -2.69 -38.71 26.81
C GLU A 15 -1.86 -37.55 27.37
N GLY A 16 -2.06 -36.38 26.79
CA GLY A 16 -1.61 -35.16 27.40
C GLY A 16 -0.35 -34.52 26.85
N THR A 17 0.54 -35.29 26.23
CA THR A 17 1.81 -34.69 25.81
C THR A 17 1.80 -34.16 24.39
N VAL A 18 2.64 -33.17 24.13
CA VAL A 18 2.84 -32.63 22.79
C VAL A 18 4.36 -32.64 22.54
N THR A 19 4.77 -33.38 21.52
CA THR A 19 6.19 -33.55 21.23
C THR A 19 6.43 -33.39 19.75
N THR A 20 7.69 -33.49 19.34
CA THR A 20 8.05 -33.46 17.93
C THR A 20 9.13 -34.49 17.67
N ASP A 21 9.28 -34.89 16.40
CA ASP A 21 10.29 -35.88 16.06
C ASP A 21 11.58 -35.23 15.59
N GLY A 22 11.53 -33.93 15.33
CA GLY A 22 12.71 -33.22 14.86
C GLY A 22 13.26 -32.27 15.91
N ALA A 23 13.90 -31.20 15.46
CA ALA A 23 14.40 -30.15 16.34
C ALA A 23 13.29 -29.56 17.19
N ASP A 24 13.63 -29.17 18.41
CA ASP A 24 12.70 -28.53 19.34
C ASP A 24 11.87 -27.44 18.67
N ILE A 25 10.58 -27.40 18.99
CA ILE A 25 9.67 -26.42 18.39
C ILE A 25 9.14 -25.48 19.46
N VAL A 26 8.99 -24.22 19.09
CA VAL A 26 8.30 -23.24 19.91
C VAL A 26 7.02 -22.83 19.17
N ILE A 27 5.90 -22.87 19.87
CA ILE A 27 4.62 -22.52 19.28
CA ILE A 27 4.61 -22.51 19.29
C ILE A 27 4.06 -21.32 20.04
N LYS A 28 3.42 -20.41 19.31
CA LYS A 28 2.84 -19.20 19.86
C LYS A 28 1.49 -18.90 19.23
N THR A 29 0.62 -18.22 19.98
CA THR A 29 -0.59 -17.68 19.39
C THR A 29 -0.95 -16.33 19.98
N LYS A 30 -1.18 -15.36 19.11
CA LYS A 30 -1.77 -14.08 19.51
C LYS A 30 -3.07 -13.90 18.76
N GLY A 31 -3.72 -15.02 18.42
CA GLY A 31 -4.92 -14.97 17.60
C GLY A 31 -4.77 -15.74 16.29
N GLY A 32 -3.53 -15.93 15.86
CA GLY A 32 -3.19 -16.79 14.73
C GLY A 32 -2.30 -17.92 15.19
N LEU A 33 -1.32 -18.29 14.37
CA LEU A 33 -0.44 -19.37 14.78
C LEU A 33 0.98 -19.15 14.28
N GLU A 34 1.94 -19.37 15.16
CA GLU A 34 3.34 -19.44 14.74
C GLU A 34 3.94 -20.71 15.29
N VAL A 35 4.70 -21.42 14.44
CA VAL A 35 5.42 -22.62 14.86
CA VAL A 35 5.43 -22.61 14.86
C VAL A 35 6.82 -22.53 14.24
N ALA A 36 7.85 -22.81 15.04
CA ALA A 36 9.19 -22.68 14.51
C ALA A 36 10.13 -23.59 15.25
N THR A 37 11.12 -24.14 14.55
CA THR A 37 12.17 -24.86 15.24
C THR A 37 13.16 -23.89 15.88
N THR A 38 13.69 -24.27 17.02
CA THR A 38 14.54 -23.36 17.77
C THR A 38 15.88 -23.10 17.07
N ASP A 39 16.30 -24.02 16.22
CA ASP A 39 17.53 -23.86 15.46
C ASP A 39 17.36 -22.98 14.21
N LYS A 40 16.17 -22.39 14.06
CA LYS A 40 15.87 -21.45 12.97
C LYS A 40 15.79 -22.07 11.57
N GLU A 41 15.80 -23.40 11.48
CA GLU A 41 15.77 -24.05 10.17
C GLU A 41 14.40 -23.98 9.51
N PHE A 42 13.35 -24.12 10.32
CA PHE A 42 11.99 -24.23 9.79
C PHE A 42 11.04 -23.36 10.58
N SER A 43 10.10 -22.74 9.88
CA SER A 43 9.06 -22.00 10.59
C SER A 43 7.82 -21.86 9.73
N PHE A 44 6.70 -21.59 10.40
CA PHE A 44 5.43 -21.34 9.74
C PHE A 44 4.61 -20.34 10.53
N LYS A 45 3.94 -19.44 9.82
CA LYS A 45 3.08 -18.46 10.46
C LYS A 45 1.80 -18.31 9.64
N LEU A 46 0.66 -18.51 10.31
CA LEU A 46 -0.63 -18.23 9.71
C LEU A 46 -1.22 -17.01 10.41
N GLY A 47 -1.50 -15.97 9.63
CA GLY A 47 -2.06 -14.74 10.18
C GLY A 47 -2.99 -14.09 9.18
N GLY A 48 -3.22 -12.80 9.36
CA GLY A 48 -4.09 -12.09 8.46
C GLY A 48 -4.42 -10.72 8.97
N ARG A 49 -5.28 -10.03 8.23
CA ARG A 49 -5.71 -8.71 8.64
C ARG A 49 -7.08 -8.43 8.06
N LEU A 50 -7.95 -7.93 8.93
CA LEU A 50 -9.29 -7.50 8.52
CA LEU A 50 -9.28 -7.52 8.51
C LEU A 50 -9.38 -6.00 8.70
N GLN A 51 -9.78 -5.30 7.65
CA GLN A 51 -9.99 -3.86 7.74
C GLN A 51 -11.43 -3.59 7.29
N ALA A 52 -12.29 -3.34 8.27
CA ALA A 52 -13.71 -3.09 8.04
C ALA A 52 -13.97 -1.59 8.03
N ASP A 53 -14.45 -1.08 6.90
CA ASP A 53 -14.63 0.37 6.72
C ASP A 53 -16.10 0.75 6.55
N TYR A 54 -16.48 1.87 7.14
CA TYR A 54 -17.76 2.50 6.83
C TYR A 54 -17.51 3.98 6.61
N SER A 55 -18.02 4.51 5.51
CA SER A 55 -17.78 5.92 5.19
C SER A 55 -18.98 6.60 4.55
N ARG A 56 -19.03 7.91 4.71
CA ARG A 56 -20.02 8.75 4.03
C ARG A 56 -19.30 9.97 3.48
N PHE A 57 -19.74 10.44 2.33
CA PHE A 57 -19.00 11.46 1.61
C PHE A 57 -19.90 12.14 0.60
N ASP A 58 -19.56 13.39 0.26
CA ASP A 58 -20.37 14.18 -0.65
C ASP A 58 -19.53 15.18 -1.44
N GLY A 59 -20.21 16.13 -2.09
CA GLY A 59 -19.49 17.09 -2.91
C GLY A 59 -18.78 16.40 -4.06
N PHE A 60 -17.54 16.83 -4.33
CA PHE A 60 -16.77 16.28 -5.44
C PHE A 60 -16.62 14.76 -5.39
N TYR A 61 -16.72 14.17 -4.21
CA TYR A 61 -16.58 12.71 -4.11
C TYR A 61 -17.71 11.95 -4.80
N THR A 62 -18.83 12.62 -5.06
CA THR A 62 -19.93 11.96 -5.74
C THR A 62 -20.31 12.71 -7.02
N LYS A 63 -20.97 12.04 -7.95
CA LYS A 63 -21.29 12.68 -9.21
C LYS A 63 -22.31 13.81 -9.04
N ASN A 64 -23.34 13.59 -8.24
CA ASN A 64 -24.35 14.63 -8.06
C ASN A 64 -24.11 15.55 -6.87
N GLY A 65 -23.09 15.23 -6.07
CA GLY A 65 -22.73 16.05 -4.92
C GLY A 65 -23.44 15.67 -3.63
N ASN A 66 -24.47 14.83 -3.74
CA ASN A 66 -25.19 14.40 -2.55
C ASN A 66 -24.39 13.35 -1.79
N THR A 67 -24.81 13.03 -0.58
CA THR A 67 -24.07 12.08 0.25
C THR A 67 -24.27 10.62 -0.18
N ALA A 68 -23.15 9.95 -0.43
CA ALA A 68 -23.15 8.52 -0.69
C ALA A 68 -22.50 7.84 0.51
N ASP A 69 -22.59 6.52 0.56
CA ASP A 69 -21.86 5.78 1.57
C ASP A 69 -21.16 4.56 1.01
N ALA A 70 -20.42 3.89 1.88
CA ALA A 70 -19.71 2.67 1.50
C ALA A 70 -19.51 1.85 2.77
N ALA A 71 -19.66 0.54 2.62
CA ALA A 71 -19.57 -0.39 3.74
C ALA A 71 -18.90 -1.62 3.18
N TYR A 72 -17.62 -1.80 3.48
CA TYR A 72 -16.82 -2.77 2.72
C TYR A 72 -15.60 -3.14 3.55
N PHE A 73 -14.98 -4.26 3.21
CA PHE A 73 -13.65 -4.58 3.73
C PHE A 73 -12.62 -3.99 2.79
N ARG A 74 -11.77 -3.12 3.32
CA ARG A 74 -10.68 -2.56 2.53
C ARG A 74 -9.68 -3.65 2.16
N ARG A 75 -9.44 -4.54 3.13
CA ARG A 75 -8.55 -5.70 2.97
C ARG A 75 -9.09 -6.78 3.88
N ALA A 76 -8.99 -8.01 3.43
CA ALA A 76 -9.28 -9.16 4.30
C ALA A 76 -8.30 -10.25 3.93
N PHE A 77 -7.05 -10.10 4.39
CA PHE A 77 -5.98 -11.00 3.97
C PHE A 77 -5.95 -12.23 4.85
N ILE A 78 -5.70 -13.38 4.20
CA ILE A 78 -5.18 -14.54 4.89
C ILE A 78 -3.71 -14.63 4.49
N GLU A 79 -2.84 -14.84 5.49
CA GLU A 79 -1.41 -14.74 5.29
C GLU A 79 -0.69 -16.01 5.74
N LEU A 80 -0.04 -16.69 4.80
CA LEU A 80 0.76 -17.87 5.13
C LEU A 80 2.19 -17.60 4.76
N GLY A 81 3.10 -17.77 5.70
CA GLY A 81 4.50 -17.58 5.39
C GLY A 81 5.32 -18.58 6.19
N GLY A 82 6.53 -18.83 5.73
CA GLY A 82 7.34 -19.81 6.42
C GLY A 82 8.77 -19.80 5.95
N THR A 83 9.56 -20.64 6.60
CA THR A 83 10.98 -20.80 6.30
C THR A 83 11.28 -22.27 6.20
N ALA A 84 12.16 -22.64 5.27
CA ALA A 84 12.61 -24.02 5.15
C ALA A 84 14.11 -24.01 4.87
N TYR A 85 14.83 -24.90 5.54
CA TYR A 85 16.27 -25.02 5.36
C TYR A 85 16.98 -23.69 5.62
N LYS A 86 16.44 -22.98 6.61
CA LYS A 86 16.99 -21.73 7.13
C LYS A 86 16.85 -20.52 6.20
N ASP A 87 17.24 -20.69 4.94
CA ASP A 87 17.52 -19.58 4.03
C ASP A 87 16.44 -19.35 2.97
N TRP A 88 15.41 -20.20 2.96
CA TRP A 88 14.36 -20.10 1.95
C TRP A 88 13.03 -19.76 2.58
N LYS A 89 12.53 -18.56 2.29
CA LYS A 89 11.27 -18.10 2.86
C LYS A 89 10.20 -17.99 1.79
N TYR A 90 8.94 -18.12 2.20
CA TYR A 90 7.84 -17.82 1.29
C TYR A 90 6.83 -16.98 2.05
N GLN A 91 6.03 -16.24 1.30
CA GLN A 91 4.94 -15.48 1.88
C GLN A 91 3.82 -15.41 0.87
N ILE A 92 2.65 -15.88 1.26
CA ILE A 92 1.47 -15.84 0.40
C ILE A 92 0.34 -15.16 1.15
N ASN A 93 -0.02 -13.98 0.67
CA ASN A 93 -1.10 -13.20 1.26
C ASN A 93 -2.17 -13.07 0.21
N PHE A 94 -3.34 -13.64 0.49
CA PHE A 94 -4.44 -13.54 -0.44
C PHE A 94 -5.58 -12.73 0.15
N ASP A 95 -6.19 -11.88 -0.69
CA ASP A 95 -7.17 -10.91 -0.22
C ASP A 95 -8.58 -11.38 -0.50
N LEU A 96 -9.25 -11.87 0.54
CA LEU A 96 -10.61 -12.37 0.42
C LEU A 96 -11.60 -11.27 0.01
N SER A 97 -11.27 -10.00 0.26
CA SER A 97 -12.16 -8.89 -0.13
C SER A 97 -12.12 -8.60 -1.62
N HIS A 98 -11.13 -9.16 -2.31
CA HIS A 98 -10.99 -8.99 -3.76
C HIS A 98 -10.62 -7.56 -4.18
N ASN A 99 -10.03 -6.81 -3.26
CA ASN A 99 -9.51 -5.48 -3.54
C ASN A 99 -8.08 -5.47 -4.08
N THR A 100 -7.41 -6.63 -4.02
CA THR A 100 -6.01 -6.74 -4.41
C THR A 100 -5.89 -7.91 -5.38
N GLY A 101 -5.15 -7.73 -6.47
CA GLY A 101 -5.09 -8.77 -7.49
C GLY A 101 -6.35 -8.79 -8.34
N SER A 102 -6.63 -9.94 -8.95
CA SER A 102 -7.73 -9.99 -9.91
C SER A 102 -8.30 -11.38 -10.07
N SER A 103 -9.46 -11.45 -10.72
CA SER A 103 -10.12 -12.71 -10.98
CA SER A 103 -10.12 -12.72 -10.98
C SER A 103 -9.30 -13.60 -11.91
N ASP A 104 -8.70 -13.00 -12.95
CA ASP A 104 -7.95 -13.82 -13.89
C ASP A 104 -6.68 -14.38 -13.28
N ASN A 105 -6.06 -13.60 -12.39
CA ASN A 105 -4.67 -13.87 -12.04
C ASN A 105 -4.42 -14.26 -10.59
N GLY A 106 -5.47 -14.17 -9.79
CA GLY A 106 -5.36 -14.45 -8.35
C GLY A 106 -5.45 -13.18 -7.53
N TYR A 107 -6.12 -13.25 -6.39
CA TYR A 107 -6.26 -12.09 -5.54
C TYR A 107 -5.08 -11.98 -4.56
N PHE A 108 -3.89 -11.84 -5.11
CA PHE A 108 -2.68 -11.80 -4.31
C PHE A 108 -2.35 -10.38 -3.88
N ASP A 109 -2.11 -10.20 -2.58
CA ASP A 109 -1.34 -9.05 -2.13
C ASP A 109 0.15 -9.38 -2.32
N GLU A 110 0.52 -10.62 -2.05
CA GLU A 110 1.91 -11.07 -2.21
C GLU A 110 1.91 -12.58 -2.44
N ALA A 111 2.76 -13.04 -3.35
CA ALA A 111 3.11 -14.46 -3.41
C ALA A 111 4.56 -14.50 -3.80
N SER A 112 5.42 -14.65 -2.81
CA SER A 112 6.85 -14.47 -3.01
C SER A 112 7.68 -15.57 -2.38
N VAL A 113 8.90 -15.72 -2.89
CA VAL A 113 9.93 -16.56 -2.29
C VAL A 113 11.16 -15.71 -2.11
N THR A 114 11.75 -15.76 -0.93
CA THR A 114 12.94 -14.95 -0.65
C THR A 114 14.08 -15.87 -0.22
N TYR A 115 15.24 -15.70 -0.84
CA TYR A 115 16.44 -16.38 -0.40
C TYR A 115 17.22 -15.40 0.48
N THR A 116 17.52 -15.83 1.70
CA THR A 116 18.15 -14.93 2.66
C THR A 116 19.56 -15.36 3.02
N GLY A 117 20.11 -16.31 2.28
CA GLY A 117 21.42 -16.86 2.58
C GLY A 117 22.56 -15.85 2.48
N PHE A 118 22.35 -14.78 1.71
CA PHE A 118 23.35 -13.73 1.57
C PHE A 118 23.12 -12.58 2.56
N ASN A 119 22.29 -12.83 3.59
CA ASN A 119 22.02 -11.87 4.67
C ASN A 119 23.29 -11.10 5.01
N PRO A 120 23.22 -9.76 4.99
CA PRO A 120 22.06 -8.86 4.92
C PRO A 120 21.40 -8.68 3.56
N VAL A 121 22.00 -9.22 2.50
CA VAL A 121 21.40 -9.11 1.17
C VAL A 121 20.30 -10.14 1.00
N ASN A 122 19.13 -9.69 0.56
CA ASN A 122 18.02 -10.60 0.25
C ASN A 122 17.75 -10.62 -1.24
N LEU A 123 17.33 -11.78 -1.73
CA LEU A 123 16.88 -11.93 -3.11
C LEU A 123 15.42 -12.36 -3.09
N LYS A 124 14.55 -11.54 -3.66
CA LYS A 124 13.11 -11.76 -3.57
C LYS A 124 12.49 -11.98 -4.93
N PHE A 125 11.65 -13.00 -5.04
CA PHE A 125 11.08 -13.39 -6.33
C PHE A 125 9.59 -13.62 -6.22
N GLY A 126 8.88 -13.40 -7.33
CA GLY A 126 7.47 -13.73 -7.38
C GLY A 126 6.61 -12.52 -7.65
N ARG A 127 5.44 -12.49 -7.02
CA ARG A 127 4.47 -11.40 -7.20
C ARG A 127 4.46 -10.57 -5.94
N PHE A 128 5.01 -9.37 -6.03
CA PHE A 128 5.07 -8.49 -4.87
C PHE A 128 5.23 -7.06 -5.35
N ASP A 129 4.68 -6.13 -4.60
CA ASP A 129 4.76 -4.74 -4.99
C ASP A 129 6.20 -4.27 -5.02
N PRO A 130 6.64 -3.65 -6.13
CA PRO A 130 7.96 -2.99 -6.15
C PRO A 130 8.07 -1.91 -5.05
N ASP A 131 9.29 -1.65 -4.61
CA ASP A 131 9.56 -0.75 -3.49
C ASP A 131 9.78 0.69 -4.01
N PHE A 132 8.74 1.53 -3.88
CA PHE A 132 8.85 2.96 -4.19
C PHE A 132 8.05 3.67 -3.11
N GLY A 133 8.72 4.45 -2.26
CA GLY A 133 8.03 5.30 -1.32
C GLY A 133 7.91 4.76 0.10
N LEU A 134 8.05 5.66 1.06
CA LEU A 134 8.01 5.34 2.49
C LEU A 134 6.61 4.91 2.95
N GLU A 135 5.58 5.68 2.59
CA GLU A 135 4.23 5.34 3.01
C GLU A 135 3.78 4.01 2.42
N LYS A 136 4.29 3.69 1.23
CA LYS A 136 3.98 2.43 0.59
C LYS A 136 4.75 1.27 1.22
N ALA A 137 6.00 1.51 1.59
CA ALA A 137 6.82 0.48 2.22
C ALA A 137 6.26 0.06 3.57
N THR A 138 5.71 1.04 4.28
CA THR A 138 5.00 0.83 5.53
C THR A 138 3.85 -0.17 5.33
N SER A 139 3.74 -1.14 6.22
CA SER A 139 2.67 -2.13 6.14
C SER A 139 1.31 -1.48 6.04
N SER A 140 0.43 -2.04 5.22
CA SER A 140 -0.94 -1.56 5.13
C SER A 140 -1.69 -1.69 6.48
N LYS A 141 -1.18 -2.50 7.38
CA LYS A 141 -1.71 -2.55 8.74
C LYS A 141 -1.46 -1.25 9.49
N TRP A 142 -0.37 -0.56 9.14
CA TRP A 142 0.11 0.50 10.04
C TRP A 142 0.28 1.86 9.40
N VAL A 143 -0.10 1.98 8.13
CA VAL A 143 -0.21 3.29 7.50
C VAL A 143 -1.10 4.13 8.40
N THR A 144 -0.63 5.33 8.73
CA THR A 144 -1.28 6.18 9.71
C THR A 144 -2.69 6.61 9.26
N ALA A 145 -2.80 7.07 8.02
CA ALA A 145 -4.07 7.51 7.46
C ALA A 145 -4.82 6.31 6.90
N PRO A 146 -6.16 6.42 6.77
CA PRO A 146 -6.91 5.24 6.33
C PRO A 146 -6.57 4.80 4.91
N GLU A 147 -6.27 5.75 4.03
CA GLU A 147 -5.78 5.41 2.71
C GLU A 147 -4.46 6.12 2.45
N ARG A 148 -3.62 5.50 1.62
CA ARG A 148 -2.35 6.13 1.24
C ARG A 148 -2.57 7.38 0.38
N ASN A 149 -1.49 8.13 0.22
CA ASN A 149 -1.54 9.48 -0.33
C ASN A 149 -1.90 9.53 -1.81
N ALA A 150 -2.32 10.72 -2.24
CA ALA A 150 -2.77 10.92 -3.61
C ALA A 150 -1.64 11.03 -4.61
N ALA A 151 -0.43 11.33 -4.17
CA ALA A 151 0.68 11.43 -5.12
C ALA A 151 0.97 10.08 -5.77
N TYR A 152 0.87 8.99 -5.00
CA TYR A 152 1.04 7.66 -5.58
C TYR A 152 -0.03 7.38 -6.65
N GLU A 153 -1.21 7.97 -6.49
CA GLU A 153 -2.28 7.75 -7.46
C GLU A 153 -1.97 8.35 -8.81
N LEU A 154 -0.93 9.19 -8.88
CA LEU A 154 -0.50 9.77 -10.15
C LEU A 154 0.24 8.75 -11.01
N ALA A 155 0.69 7.66 -10.38
CA ALA A 155 1.49 6.67 -11.10
C ALA A 155 1.53 5.38 -10.31
N ASP A 156 0.37 4.75 -10.12
CA ASP A 156 0.31 3.66 -9.14
C ASP A 156 1.03 2.41 -9.60
N TRP A 157 1.45 2.39 -10.86
CA TRP A 157 2.26 1.30 -11.37
C TRP A 157 3.65 1.21 -10.71
N ILE A 158 4.11 2.31 -10.12
CA ILE A 158 5.48 2.33 -9.61
C ILE A 158 5.68 1.40 -8.41
N ASN A 159 4.59 1.10 -7.70
CA ASN A 159 4.71 0.31 -6.47
C ASN A 159 3.59 -0.69 -6.30
N THR A 160 3.06 -1.16 -7.43
CA THR A 160 2.09 -2.26 -7.43
C THR A 160 2.56 -3.38 -8.38
N HIS A 161 2.22 -4.62 -8.06
CA HIS A 161 2.73 -5.75 -8.85
C HIS A 161 2.05 -5.93 -10.19
N GLN A 162 0.80 -5.45 -10.27
CA GLN A 162 0.01 -5.51 -11.52
C GLN A 162 -0.01 -6.90 -12.13
N ASP A 163 -0.17 -7.90 -11.26
CA ASP A 163 -0.40 -9.30 -11.66
C ASP A 163 0.73 -9.94 -12.45
N GLY A 164 1.94 -9.44 -12.25
CA GLY A 164 3.09 -10.00 -12.95
C GLY A 164 4.05 -10.72 -12.02
N MET A 165 5.33 -10.74 -12.41
CA MET A 165 6.37 -11.39 -11.61
CA MET A 165 6.37 -11.39 -11.61
C MET A 165 7.59 -10.48 -11.60
N GLY A 166 8.43 -10.66 -10.58
CA GLY A 166 9.60 -9.83 -10.48
C GLY A 166 10.73 -10.45 -9.67
N ALA A 167 11.87 -9.78 -9.72
CA ALA A 167 13.04 -10.18 -8.95
C ALA A 167 13.66 -8.92 -8.37
N GLN A 168 13.94 -8.94 -7.08
CA GLN A 168 14.44 -7.77 -6.37
C GLN A 168 15.63 -8.18 -5.51
N VAL A 169 16.62 -7.31 -5.43
CA VAL A 169 17.71 -7.46 -4.48
C VAL A 169 17.62 -6.29 -3.50
N ASN A 170 17.78 -6.57 -2.20
CA ASN A 170 17.78 -5.50 -1.23
C ASN A 170 18.74 -5.74 -0.09
N SER A 171 19.14 -4.68 0.59
CA SER A 171 20.06 -4.82 1.71
C SER A 171 20.10 -3.56 2.53
N THR A 172 20.29 -3.71 3.83
CA THR A 172 20.75 -2.58 4.64
C THR A 172 22.25 -2.40 4.36
N LEU A 173 22.76 -1.20 4.60
CA LEU A 173 24.16 -0.91 4.34
C LEU A 173 24.74 -0.05 5.46
N ALA A 174 25.96 -0.40 5.88
CA ALA A 174 26.74 0.43 6.80
C ALA A 174 26.02 0.85 8.07
N ASP A 175 24.99 0.09 8.45
CA ASP A 175 24.14 0.42 9.61
CA ASP A 175 24.15 0.43 9.62
C ASP A 175 23.55 1.83 9.53
N MET A 176 23.28 2.30 8.32
CA MET A 176 22.77 3.66 8.19
C MET A 176 21.97 3.89 6.93
N ALA A 177 21.73 2.84 6.15
CA ALA A 177 21.09 2.99 4.86
C ALA A 177 20.36 1.73 4.45
N TYR A 178 19.51 1.84 3.45
CA TYR A 178 18.79 0.71 2.88
C TYR A 178 18.67 0.92 1.39
N LEU A 179 18.95 -0.11 0.60
CA LEU A 179 18.82 -0.05 -0.84
C LEU A 179 18.00 -1.22 -1.36
N SER A 180 17.18 -0.96 -2.38
CA SER A 180 16.45 -2.03 -3.05
CA SER A 180 16.42 -2.02 -3.03
C SER A 180 16.38 -1.72 -4.53
N ALA A 181 16.56 -2.73 -5.36
CA ALA A 181 16.44 -2.53 -6.80
C ALA A 181 15.82 -3.78 -7.38
N GLY A 182 15.00 -3.62 -8.41
CA GLY A 182 14.30 -4.76 -8.95
C GLY A 182 13.84 -4.58 -10.38
N VAL A 183 13.55 -5.72 -11.01
CA VAL A 183 12.92 -5.73 -12.31
C VAL A 183 11.62 -6.50 -12.19
N SER A 184 10.64 -6.11 -12.97
CA SER A 184 9.36 -6.80 -12.95
CA SER A 184 9.35 -6.79 -12.95
C SER A 184 8.75 -6.83 -14.34
N ALA A 185 7.94 -7.85 -14.58
CA ALA A 185 7.12 -7.95 -15.78
C ALA A 185 5.71 -7.66 -15.28
N LYS A 186 5.02 -6.74 -15.96
CA LYS A 186 3.69 -6.31 -15.57
C LYS A 186 2.66 -6.86 -16.53
N ASP A 187 1.41 -7.01 -16.08
CA ASP A 187 0.42 -7.71 -16.92
C ASP A 187 -0.21 -6.87 -18.03
N ALA A 188 0.62 -6.54 -19.02
CA ALA A 188 0.14 -5.90 -20.25
C ALA A 188 1.11 -6.28 -21.35
N ASP A 189 0.59 -6.64 -22.51
CA ASP A 189 1.42 -7.10 -23.60
C ASP A 189 1.53 -6.08 -24.71
N ASP A 190 2.69 -6.05 -25.37
CA ASP A 190 2.81 -5.39 -26.67
C ASP A 190 2.14 -6.24 -27.75
N SER A 191 2.23 -5.84 -29.01
CA SER A 191 1.55 -6.60 -30.06
C SER A 191 2.16 -7.97 -30.32
N ASP A 192 3.34 -8.22 -29.77
CA ASP A 192 3.94 -9.55 -29.88
C ASP A 192 3.65 -10.44 -28.68
N GLY A 193 2.93 -9.92 -27.69
CA GLY A 193 2.58 -10.68 -26.50
C GLY A 193 3.69 -10.64 -25.45
N ASP A 194 4.58 -9.66 -25.57
CA ASP A 194 5.69 -9.49 -24.63
C ASP A 194 5.28 -8.45 -23.57
N SER A 195 5.45 -8.81 -22.30
CA SER A 195 4.99 -7.99 -21.19
C SER A 195 5.76 -6.68 -21.03
N VAL A 196 5.09 -5.69 -20.45
CA VAL A 196 5.73 -4.45 -20.04
C VAL A 196 6.78 -4.76 -18.98
N LYS A 197 8.01 -4.31 -19.22
CA LYS A 197 9.09 -4.49 -18.26
C LYS A 197 9.33 -3.20 -17.48
N GLN A 198 9.63 -3.36 -16.19
CA GLN A 198 9.73 -2.22 -15.29
C GLN A 198 10.95 -2.35 -14.40
N PHE A 199 11.65 -1.24 -14.20
CA PHE A 199 12.79 -1.16 -13.28
C PHE A 199 12.45 -0.26 -12.10
N ASN A 200 12.84 -0.68 -10.90
CA ASN A 200 12.71 0.13 -9.70
C ASN A 200 14.00 0.24 -8.92
N PHE A 201 14.25 1.42 -8.38
CA PHE A 201 15.30 1.63 -7.41
C PHE A 201 14.78 2.46 -6.25
N ARG A 202 15.23 2.12 -5.05
CA ARG A 202 14.97 2.91 -3.85
C ARG A 202 16.21 2.91 -2.98
N GLY A 203 16.61 4.09 -2.52
CA GLY A 203 17.74 4.21 -1.63
C GLY A 203 17.44 5.18 -0.53
N VAL A 204 17.69 4.76 0.70
CA VAL A 204 17.38 5.58 1.86
C VAL A 204 18.59 5.72 2.76
N PHE A 205 18.88 6.94 3.17
CA PHE A 205 19.88 7.20 4.20
C PHE A 205 19.12 7.48 5.48
N ALA A 206 19.28 6.60 6.46
CA ALA A 206 18.61 6.77 7.75
C ALA A 206 19.58 6.53 8.89
N PRO A 207 20.43 7.52 9.17
CA PRO A 207 21.47 7.39 10.21
C PRO A 207 20.86 7.15 11.59
N MET A 208 19.65 7.65 11.81
CA MET A 208 18.88 7.31 13.01
C MET A 208 17.68 6.52 12.54
N HIS A 209 17.53 5.31 13.06
CA HIS A 209 16.58 4.38 12.48
C HIS A 209 15.93 3.46 13.51
N GLU A 210 15.44 4.05 14.59
CA GLU A 210 14.76 3.29 15.63
CA GLU A 210 14.76 3.28 15.63
C GLU A 210 13.50 4.02 16.07
N ALA A 211 12.59 3.30 16.73
CA ALA A 211 11.35 3.90 17.21
C ALA A 211 11.65 5.13 18.07
N GLY A 212 11.03 6.25 17.70
CA GLY A 212 11.18 7.48 18.45
C GLY A 212 12.49 8.22 18.17
N ASN A 213 13.25 7.73 17.21
CA ASN A 213 14.52 8.36 16.86
C ASN A 213 14.82 8.05 15.41
N VAL A 214 14.17 8.80 14.52
CA VAL A 214 14.28 8.58 13.07
C VAL A 214 14.75 9.85 12.37
N LEU A 215 15.72 9.70 11.48
CA LEU A 215 16.11 10.73 10.54
C LEU A 215 16.36 10.02 9.22
N HIS A 216 15.54 10.32 8.23
CA HIS A 216 15.37 9.46 7.06
C HIS A 216 15.25 10.34 5.83
N VAL A 217 16.12 10.13 4.85
CA VAL A 217 15.96 10.77 3.56
CA VAL A 217 15.98 10.78 3.55
C VAL A 217 16.16 9.73 2.47
N GLY A 218 15.29 9.75 1.46
CA GLY A 218 15.35 8.71 0.45
C GLY A 218 15.03 9.18 -0.95
N VAL A 219 15.47 8.39 -1.93
CA VAL A 219 15.18 8.67 -3.32
CA VAL A 219 15.20 8.66 -3.33
C VAL A 219 14.59 7.43 -3.99
N ASN A 220 13.64 7.65 -4.89
CA ASN A 220 13.01 6.55 -5.59
C ASN A 220 13.07 6.80 -7.08
N TYR A 221 13.22 5.73 -7.85
CA TYR A 221 13.11 5.84 -9.31
C TYR A 221 12.37 4.63 -9.87
N ALA A 222 11.47 4.89 -10.82
CA ALA A 222 10.78 3.80 -11.50
C ALA A 222 10.69 4.12 -12.98
N TYR A 223 10.88 3.10 -13.80
CA TYR A 223 10.83 3.24 -15.24
C TYR A 223 10.12 2.05 -15.84
N ARG A 224 9.27 2.29 -16.84
CA ARG A 224 8.69 1.17 -17.58
C ARG A 224 8.68 1.50 -19.07
N ASP A 225 8.80 0.45 -19.87
CA ASP A 225 8.87 0.53 -21.32
C ASP A 225 7.49 0.18 -21.90
N LEU A 226 6.85 1.15 -22.55
CA LEU A 226 5.51 0.95 -23.07
C LEU A 226 5.47 0.83 -24.59
N ASP A 227 6.63 0.59 -25.20
CA ASP A 227 6.72 0.46 -26.65
C ASP A 227 5.67 -0.50 -27.21
N ASP A 228 4.89 -0.01 -28.18
CA ASP A 228 3.95 -0.86 -28.91
C ASP A 228 2.93 -1.54 -27.99
N THR A 229 2.55 -0.85 -26.92
CA THR A 229 1.66 -1.43 -25.92
C THR A 229 0.43 -0.56 -25.69
N ALA A 230 -0.75 -1.15 -25.88
CA ALA A 230 -1.98 -0.47 -25.51
C ALA A 230 -2.15 -0.51 -23.99
N PHE A 231 -2.55 0.62 -23.41
CA PHE A 231 -2.62 0.73 -21.96
C PHE A 231 -3.56 1.83 -21.49
N ASP A 232 -3.95 1.73 -20.23
CA ASP A 232 -4.80 2.69 -19.58
C ASP A 232 -3.89 3.74 -18.93
N SER A 233 -3.91 4.95 -19.47
CA SER A 233 -3.08 6.05 -18.96
C SER A 233 -3.80 6.96 -17.98
N ARG A 234 -5.02 6.59 -17.61
CA ARG A 234 -5.81 7.47 -16.75
C ARG A 234 -5.20 7.66 -15.36
N ILE A 235 -5.26 8.89 -14.88
CA ILE A 235 -4.97 9.22 -13.49
C ILE A 235 -6.33 9.53 -12.87
N ARG A 236 -6.71 8.72 -11.87
CA ARG A 236 -8.07 8.70 -11.33
C ARG A 236 -8.03 8.62 -9.80
N PRO A 237 -7.66 9.72 -9.15
CA PRO A 237 -7.44 9.66 -7.70
C PRO A 237 -8.74 9.55 -6.92
N ARG A 238 -8.71 8.76 -5.84
CA ARG A 238 -9.83 8.71 -4.92
C ARG A 238 -9.70 9.75 -3.79
N LEU A 239 -8.54 10.40 -3.70
CA LEU A 239 -8.37 11.52 -2.77
C LEU A 239 -8.78 11.20 -1.33
N GLY A 240 -8.43 9.99 -0.89
CA GLY A 240 -8.62 9.57 0.49
C GLY A 240 -9.94 8.90 0.82
N MET A 241 -10.83 8.82 -0.15
CA MET A 241 -12.15 8.25 0.04
CA MET A 241 -12.15 8.22 0.07
C MET A 241 -12.31 6.96 -0.77
N ARG A 242 -11.90 5.83 -0.19
CA ARG A 242 -11.91 4.56 -0.91
C ARG A 242 -13.31 4.21 -1.40
N GLY A 243 -14.29 4.53 -0.57
CA GLY A 243 -15.67 4.17 -0.82
C GLY A 243 -16.33 4.75 -2.06
N ILE A 244 -15.70 5.73 -2.71
CA ILE A 244 -16.27 6.22 -3.96
C ILE A 244 -16.32 5.13 -5.03
N ALA A 245 -15.39 4.19 -4.97
CA ALA A 245 -15.32 3.08 -5.91
C ALA A 245 -14.41 2.01 -5.35
N THR A 246 -14.99 0.90 -4.94
CA THR A 246 -14.19 -0.15 -4.30
C THR A 246 -14.86 -1.51 -4.39
N SER A 247 -14.05 -2.55 -4.35
CA SER A 247 -14.55 -3.91 -4.15
C SER A 247 -14.66 -4.20 -2.66
N GLY A 248 -15.08 -5.42 -2.35
CA GLY A 248 -15.07 -5.89 -0.96
C GLY A 248 -16.32 -5.51 -0.18
N GLY A 249 -17.34 -5.01 -0.86
CA GLY A 249 -18.59 -4.64 -0.23
C GLY A 249 -19.27 -3.52 -0.97
N ASN A 250 -20.15 -2.82 -0.27
CA ASN A 250 -20.91 -1.75 -0.88
C ASN A 250 -20.11 -0.46 -1.06
N ASP A 251 -20.32 0.22 -2.19
CA ASP A 251 -19.67 1.50 -2.43
C ASP A 251 -20.70 2.51 -2.94
N ALA A 252 -20.22 3.62 -3.48
CA ALA A 252 -21.09 4.71 -3.94
C ALA A 252 -21.78 4.39 -5.26
N GLY A 253 -21.46 3.24 -5.85
CA GLY A 253 -22.10 2.82 -7.08
C GLY A 253 -22.03 3.85 -8.18
N ASP A 254 -23.14 4.02 -8.88
CA ASP A 254 -23.21 4.92 -10.01
C ASP A 254 -23.04 6.39 -9.63
N ASN A 255 -23.12 6.71 -8.34
CA ASN A 255 -22.93 8.08 -7.92
C ASN A 255 -21.54 8.34 -7.35
N GLY A 256 -20.65 7.35 -7.40
CA GLY A 256 -19.27 7.60 -7.01
C GLY A 256 -18.52 8.39 -8.08
N ASN A 257 -17.74 9.39 -7.68
CA ASN A 257 -16.98 10.19 -8.63
C ASN A 257 -15.47 9.97 -8.52
N ARG A 258 -15.00 8.83 -9.01
CA ARG A 258 -13.57 8.62 -9.20
C ARG A 258 -13.22 9.21 -10.57
N ALA A 259 -12.79 10.46 -10.55
CA ALA A 259 -12.72 11.29 -11.76
C ALA A 259 -11.39 11.14 -12.50
N THR A 260 -11.45 11.25 -13.82
CA THR A 260 -10.26 11.18 -14.64
C THR A 260 -9.63 12.57 -14.76
N PHE A 261 -8.49 12.75 -14.11
CA PHE A 261 -7.78 14.03 -14.10
C PHE A 261 -6.92 14.20 -15.34
N GLY A 262 -6.61 13.10 -16.00
CA GLY A 262 -5.85 13.11 -17.24
C GLY A 262 -5.71 11.69 -17.73
N GLY A 263 -5.23 11.53 -18.96
CA GLY A 263 -5.08 10.20 -19.55
C GLY A 263 -6.37 9.64 -20.10
N VAL A 264 -6.25 8.48 -20.75
CA VAL A 264 -7.39 7.84 -21.39
C VAL A 264 -7.40 6.35 -21.12
N SER A 265 -8.58 5.73 -21.17
CA SER A 265 -8.69 4.32 -20.82
C SER A 265 -8.04 3.38 -21.82
N ASN A 266 -8.02 3.76 -23.09
CA ASN A 266 -7.38 2.93 -24.11
C ASN A 266 -6.42 3.71 -24.99
N SER A 267 -5.24 3.97 -24.44
CA SER A 267 -4.18 4.60 -25.22
C SER A 267 -3.60 3.51 -26.13
N PRO A 268 -3.66 3.74 -27.45
CA PRO A 268 -3.30 2.68 -28.41
C PRO A 268 -1.84 2.29 -28.40
N ALA A 269 -1.56 1.07 -28.82
CA ALA A 269 -0.19 0.63 -29.03
C ALA A 269 0.52 1.66 -29.92
N GLY A 270 1.69 2.12 -29.47
CA GLY A 270 2.48 3.05 -30.24
C GLY A 270 2.29 4.49 -29.80
N SER A 271 1.34 4.73 -28.91
CA SER A 271 1.08 6.10 -28.47
C SER A 271 2.17 6.62 -27.53
N TYR A 272 2.65 5.77 -26.63
CA TYR A 272 3.66 6.16 -25.65
C TYR A 272 4.84 5.20 -25.65
N LYS A 273 6.03 5.74 -25.36
CA LYS A 273 7.26 4.96 -25.53
C LYS A 273 7.75 4.44 -24.19
N ASP A 274 7.76 5.34 -23.21
CA ASP A 274 8.14 4.97 -21.85
C ASP A 274 7.60 5.96 -20.81
N ASP A 275 7.88 5.67 -19.56
CA ASP A 275 7.16 6.29 -18.45
C ASP A 275 8.15 6.22 -17.29
N SER A 276 8.45 7.38 -16.70
CA SER A 276 9.46 7.50 -15.65
CA SER A 276 9.39 7.41 -15.61
C SER A 276 8.92 8.29 -14.47
N VAL A 277 9.32 7.92 -13.27
CA VAL A 277 8.91 8.62 -12.07
C VAL A 277 10.10 8.72 -11.13
N TRP A 278 10.39 9.92 -10.66
CA TRP A 278 11.37 10.12 -9.58
C TRP A 278 10.65 10.54 -8.32
N GLY A 279 11.15 10.08 -7.17
CA GLY A 279 10.52 10.41 -5.91
C GLY A 279 11.53 10.73 -4.83
N LEU A 280 11.12 11.57 -3.88
CA LEU A 280 11.90 11.86 -2.69
C LEU A 280 11.10 11.52 -1.45
N GLU A 281 11.79 11.12 -0.38
CA GLU A 281 11.17 10.81 0.91
C GLU A 281 11.93 11.50 2.02
N GLY A 282 11.20 11.96 3.02
CA GLY A 282 11.84 12.49 4.22
C GLY A 282 11.03 12.11 5.45
N ALA A 283 11.73 11.78 6.53
CA ALA A 283 11.01 11.52 7.78
C ALA A 283 11.88 11.86 8.98
N TRP A 284 11.22 12.32 10.04
CA TRP A 284 11.89 12.66 11.28
C TRP A 284 10.95 12.26 12.40
N ALA A 285 11.49 11.57 13.41
CA ALA A 285 10.69 11.20 14.55
C ALA A 285 11.49 11.39 15.83
N MET A 286 10.83 11.96 16.83
CA MET A 286 11.37 12.11 18.17
C MET A 286 10.30 11.70 19.15
N GLY A 287 10.50 10.55 19.79
CA GLY A 287 9.48 9.98 20.65
C GLY A 287 8.14 9.85 19.96
N PRO A 288 7.08 10.38 20.58
CA PRO A 288 5.73 10.23 20.02
C PRO A 288 5.42 11.14 18.83
N PHE A 289 6.34 12.06 18.50
CA PHE A 289 6.12 12.98 17.37
C PHE A 289 6.83 12.51 16.11
N SER A 290 6.12 12.51 14.98
CA SER A 290 6.77 12.23 13.70
C SER A 290 6.27 13.15 12.60
N ALA A 291 7.16 13.44 11.67
CA ALA A 291 6.84 14.20 10.47
C ALA A 291 7.40 13.42 9.29
N GLN A 292 6.62 13.26 8.25
CA GLN A 292 7.12 12.61 7.04
C GLN A 292 6.51 13.25 5.81
N ALA A 293 7.23 13.17 4.70
CA ALA A 293 6.75 13.79 3.47
C ALA A 293 7.37 13.10 2.26
N GLU A 294 6.67 13.15 1.14
CA GLU A 294 7.18 12.60 -0.10
C GLU A 294 6.78 13.49 -1.26
N TYR A 295 7.62 13.54 -2.28
CA TYR A 295 7.33 14.27 -3.51
C TYR A 295 7.65 13.36 -4.69
N LEU A 296 6.82 13.36 -5.73
CA LEU A 296 7.18 12.61 -6.92
C LEU A 296 6.76 13.34 -8.18
N ALA A 297 7.44 13.01 -9.27
CA ALA A 297 7.13 13.61 -10.57
C ALA A 297 7.22 12.54 -11.63
N ARG A 298 6.21 12.54 -12.50
CA ARG A 298 6.07 11.55 -13.57
C ARG A 298 6.16 12.22 -14.93
N LYS A 299 6.86 11.57 -15.85
CA LYS A 299 6.78 11.92 -17.26
C LYS A 299 6.47 10.69 -18.10
N LEU A 300 5.28 10.70 -18.69
CA LEU A 300 4.84 9.67 -19.60
C LEU A 300 5.11 10.20 -21.00
N LYS A 301 6.07 9.59 -21.68
CA LYS A 301 6.65 10.17 -22.89
C LYS A 301 5.98 9.65 -24.17
N ALA A 302 5.45 10.57 -24.96
CA ALA A 302 4.74 10.21 -26.18
C ALA A 302 5.68 9.60 -27.21
N ASP A 303 5.12 8.70 -28.00
CA ASP A 303 5.84 8.09 -29.11
C ASP A 303 5.29 8.69 -30.41
N ASP A 304 4.11 8.23 -30.83
CA ASP A 304 3.47 8.73 -32.04
C ASP A 304 3.24 10.25 -31.95
N ASN A 305 3.45 10.96 -33.06
CA ASN A 305 3.35 12.42 -33.07
C ASN A 305 1.97 13.01 -32.72
N ALA A 306 0.92 12.21 -32.88
CA ALA A 306 -0.42 12.66 -32.52
C ALA A 306 -0.56 12.82 -31.01
N TYR A 307 0.40 12.29 -30.25
CA TYR A 307 0.30 12.30 -28.79
C TYR A 307 1.33 13.22 -28.16
N LYS A 308 0.94 13.82 -27.05
CA LYS A 308 1.84 14.66 -26.29
C LYS A 308 2.13 14.02 -24.95
N ASP A 309 3.29 14.39 -24.38
CA ASP A 309 3.68 13.87 -23.09
C ASP A 309 2.63 14.19 -22.04
N ILE A 310 2.52 13.32 -21.03
CA ILE A 310 1.68 13.63 -19.88
C ILE A 310 2.60 13.70 -18.67
N LYS A 311 2.46 14.77 -17.89
CA LYS A 311 3.28 14.95 -16.71
C LYS A 311 2.38 15.09 -15.49
N ALA A 312 2.89 14.67 -14.35
CA ALA A 312 2.16 14.85 -13.11
C ALA A 312 3.15 14.98 -11.97
N LYS A 313 2.77 15.77 -10.98
CA LYS A 313 3.62 16.03 -9.84
C LYS A 313 2.75 16.02 -8.60
N GLY A 314 3.24 15.44 -7.52
CA GLY A 314 2.45 15.37 -6.32
C GLY A 314 3.30 15.25 -5.08
N TYR A 315 2.73 15.64 -3.95
CA TYR A 315 3.41 15.47 -2.69
C TYR A 315 2.42 15.34 -1.55
N TYR A 316 2.92 14.87 -0.41
CA TYR A 316 2.14 14.91 0.81
C TYR A 316 3.08 15.23 1.95
N ALA A 317 2.51 15.73 3.03
CA ALA A 317 3.24 15.88 4.28
C ALA A 317 2.32 15.46 5.39
N GLN A 318 2.86 14.72 6.36
CA GLN A 318 2.08 14.23 7.48
C GLN A 318 2.72 14.51 8.83
N LEU A 319 1.92 15.02 9.75
CA LEU A 319 2.32 15.10 11.16
C LEU A 319 1.53 14.07 11.94
N ALA A 320 2.19 13.37 12.86
CA ALA A 320 1.50 12.44 13.73
C ALA A 320 2.04 12.56 15.14
N TYR A 321 1.15 12.39 16.11
CA TYR A 321 1.56 12.46 17.51
C TYR A 321 0.79 11.44 18.31
N THR A 322 1.51 10.57 19.03
CA THR A 322 0.83 9.63 19.91
C THR A 322 0.58 10.32 21.23
N LEU A 323 -0.68 10.67 21.48
CA LEU A 323 -1.07 11.38 22.69
C LEU A 323 -0.68 10.65 23.97
N THR A 324 -0.69 9.32 23.91
CA THR A 324 -0.32 8.49 25.05
C THR A 324 1.18 8.26 25.20
N GLY A 325 1.96 8.78 24.25
CA GLY A 325 3.40 8.82 24.42
C GLY A 325 4.25 7.82 23.67
N GLU A 326 3.62 6.79 23.12
CA GLU A 326 4.38 5.73 22.42
C GLU A 326 4.96 6.18 21.09
N SER A 327 6.07 5.58 20.70
CA SER A 327 6.68 5.83 19.39
C SER A 327 6.06 4.97 18.31
N ARG A 328 6.07 5.49 17.08
CA ARG A 328 5.84 4.62 15.93
C ARG A 328 7.09 3.77 15.75
N GLN A 329 6.91 2.46 15.59
CA GLN A 329 8.03 1.59 15.31
C GLN A 329 8.65 1.95 13.96
N TYR A 330 9.96 1.70 13.83
CA TYR A 330 10.67 1.96 12.57
C TYR A 330 11.73 0.88 12.36
N LYS A 331 11.82 0.39 11.13
CA LYS A 331 12.78 -0.65 10.77
C LYS A 331 13.70 -0.19 9.63
N LEU A 332 15.02 -0.31 9.83
CA LEU A 332 15.95 0.00 8.75
C LEU A 332 15.80 -1.02 7.61
N GLU A 333 15.49 -2.26 7.97
CA GLU A 333 15.20 -3.27 6.96
C GLU A 333 13.86 -2.96 6.32
N GLY A 334 13.91 -2.37 5.14
CA GLY A 334 12.71 -1.89 4.48
C GLY A 334 12.53 -0.38 4.59
N ALA A 335 13.37 0.24 5.43
CA ALA A 335 13.33 1.68 5.72
C ALA A 335 11.89 2.20 5.82
N LYS A 336 11.19 1.74 6.85
CA LYS A 336 9.75 1.96 6.94
C LYS A 336 9.29 2.11 8.38
N PHE A 337 8.22 2.87 8.56
CA PHE A 337 7.53 2.88 9.83
C PHE A 337 6.69 1.61 9.95
N ASP A 338 6.27 1.32 11.18
CA ASP A 338 5.44 0.17 11.45
C ASP A 338 4.44 0.54 12.53
N SER A 339 4.20 -0.35 13.47
CA SER A 339 3.04 -0.22 14.36
C SER A 339 3.29 0.73 15.52
N VAL A 340 2.21 1.02 16.25
CA VAL A 340 2.32 1.55 17.60
C VAL A 340 1.92 0.43 18.55
N LYS A 341 2.75 0.16 19.56
CA LYS A 341 2.46 -0.88 20.54
C LYS A 341 1.98 -0.21 21.83
N PRO A 342 0.69 -0.38 22.19
CA PRO A 342 0.17 0.35 23.35
C PRO A 342 0.82 -0.11 24.65
N GLU A 343 1.17 0.88 25.47
CA GLU A 343 1.74 0.64 26.78
C GLU A 343 0.66 0.45 27.86
N ASN A 344 -0.40 1.24 27.76
CA ASN A 344 -1.49 1.11 28.72
C ASN A 344 -2.53 0.11 28.24
N LYS A 345 -2.70 -0.95 29.01
CA LYS A 345 -3.54 -2.07 28.64
C LYS A 345 -5.01 -1.74 28.81
N GLU A 346 -5.32 -0.76 29.66
CA GLU A 346 -6.71 -0.42 29.93
C GLU A 346 -7.30 0.54 28.93
N ILE A 347 -6.52 1.53 28.50
CA ILE A 347 -7.06 2.50 27.55
C ILE A 347 -6.43 2.43 26.17
N GLY A 348 -5.35 1.65 26.02
CA GLY A 348 -4.69 1.55 24.72
C GLY A 348 -3.89 2.79 24.38
N ALA A 349 -3.49 2.90 23.12
CA ALA A 349 -2.75 4.06 22.63
C ALA A 349 -3.64 4.90 21.74
N TRP A 350 -3.45 6.21 21.82
CA TRP A 350 -4.24 7.16 21.05
C TRP A 350 -3.32 8.06 20.23
N GLU A 351 -3.58 8.11 18.93
CA GLU A 351 -2.70 8.81 18.01
C GLU A 351 -3.53 9.77 17.17
N VAL A 352 -3.07 11.01 17.03
CA VAL A 352 -3.73 11.95 16.11
CA VAL A 352 -3.72 11.96 16.13
C VAL A 352 -2.80 12.22 14.94
N PHE A 353 -3.38 12.45 13.76
CA PHE A 353 -2.57 12.69 12.57
C PHE A 353 -3.24 13.71 11.67
N TYR A 354 -2.40 14.39 10.88
CA TYR A 354 -2.87 15.26 9.84
C TYR A 354 -2.00 15.03 8.62
N ARG A 355 -2.63 14.73 7.48
CA ARG A 355 -1.87 14.63 6.24
C ARG A 355 -2.45 15.59 5.21
N TYR A 356 -1.55 16.31 4.55
CA TYR A 356 -1.90 17.21 3.45
C TYR A 356 -1.38 16.62 2.15
N ASP A 357 -2.22 16.55 1.11
CA ASP A 357 -1.83 16.01 -0.18
C ASP A 357 -2.04 17.09 -1.23
N ASN A 358 -1.18 17.12 -2.24
CA ASN A 358 -1.30 18.10 -3.31
C ASN A 358 -0.85 17.46 -4.62
N ILE A 359 -1.73 17.44 -5.62
CA ILE A 359 -1.39 16.84 -6.90
C ILE A 359 -1.72 17.76 -8.07
N LYS A 360 -0.97 17.59 -9.16
CA LYS A 360 -1.18 18.38 -10.36
C LYS A 360 -0.96 17.47 -11.56
N VAL A 361 -1.88 17.52 -12.52
CA VAL A 361 -1.78 16.71 -13.73
C VAL A 361 -1.74 17.62 -14.95
N GLU A 362 -0.70 17.43 -15.76
CA GLU A 362 -0.50 18.25 -16.95
C GLU A 362 -0.65 17.37 -18.16
N ASP A 363 -1.84 17.37 -18.74
CA ASP A 363 -2.13 16.53 -19.90
C ASP A 363 -2.53 17.41 -21.08
N ASP A 364 -1.56 17.75 -21.92
CA ASP A 364 -1.81 18.63 -23.05
C ASP A 364 -2.59 17.95 -24.18
N ASN A 365 -2.92 16.67 -23.99
CA ASN A 365 -3.77 15.98 -24.94
C ASN A 365 -5.24 16.32 -24.73
N VAL A 366 -5.55 16.88 -23.57
CA VAL A 366 -6.91 17.37 -23.37
C VAL A 366 -6.99 18.76 -23.99
N VAL A 367 -7.67 18.83 -25.13
CA VAL A 367 -7.63 20.00 -25.97
C VAL A 367 -8.98 20.72 -26.07
N ALA A 368 -10.00 20.15 -25.43
CA ALA A 368 -11.31 20.77 -25.39
C ALA A 368 -11.96 20.53 -24.04
N ASP A 369 -12.75 21.49 -23.57
CA ASP A 369 -13.47 21.30 -22.33
C ASP A 369 -14.46 20.15 -22.49
N THR A 370 -14.71 19.42 -21.41
CA THR A 370 -15.87 18.55 -21.33
C THR A 370 -16.85 19.27 -20.42
N ALA A 371 -17.97 18.63 -20.11
CA ALA A 371 -18.95 19.22 -19.21
C ALA A 371 -18.40 19.42 -17.78
N THR A 372 -17.34 18.71 -17.42
CA THR A 372 -16.84 18.73 -16.04
C THR A 372 -15.36 19.02 -15.92
N ARG A 373 -14.67 19.14 -17.05
CA ARG A 373 -13.21 19.21 -17.01
C ARG A 373 -12.75 20.27 -18.01
N GLU A 374 -11.98 21.23 -17.51
CA GLU A 374 -11.51 22.35 -18.31
C GLU A 374 -10.09 22.11 -18.84
N VAL A 375 -9.81 22.59 -20.04
CA VAL A 375 -8.46 22.52 -20.58
C VAL A 375 -7.47 23.20 -19.64
N GLY A 376 -6.30 22.58 -19.48
CA GLY A 376 -5.27 23.10 -18.61
C GLY A 376 -4.87 22.05 -17.58
N ASP A 377 -4.13 22.49 -16.57
CA ASP A 377 -3.67 21.56 -15.56
C ASP A 377 -4.74 21.32 -14.49
N THR A 378 -5.08 20.06 -14.27
CA THR A 378 -6.03 19.74 -13.21
C THR A 378 -5.27 19.58 -11.90
N LYS A 379 -5.89 19.97 -10.80
CA LYS A 379 -5.20 19.94 -9.52
C LYS A 379 -6.15 19.45 -8.44
N ALA A 380 -5.59 18.83 -7.41
CA ALA A 380 -6.36 18.58 -6.21
C ALA A 380 -5.49 18.74 -4.99
N LYS A 381 -6.11 19.19 -3.90
CA LYS A 381 -5.49 19.20 -2.58
C LYS A 381 -6.41 18.44 -1.67
N ALA A 382 -5.85 17.75 -0.68
CA ALA A 382 -6.67 17.01 0.26
C ALA A 382 -6.11 17.19 1.66
N HIS A 383 -7.00 17.13 2.65
CA HIS A 383 -6.61 17.23 4.05
C HIS A 383 -7.24 16.03 4.74
N ASN A 384 -6.43 15.33 5.52
CA ASN A 384 -6.90 14.14 6.20
C ASN A 384 -6.57 14.34 7.66
N LEU A 385 -7.59 14.41 8.51
CA LEU A 385 -7.38 14.64 9.94
C LEU A 385 -8.08 13.55 10.72
N GLY A 386 -7.36 12.85 11.59
CA GLY A 386 -8.00 11.74 12.24
C GLY A 386 -7.34 11.24 13.50
N VAL A 387 -7.94 10.18 14.04
CA VAL A 387 -7.48 9.56 15.27
CA VAL A 387 -7.45 9.56 15.26
C VAL A 387 -7.40 8.05 15.09
N ASN A 388 -6.32 7.46 15.60
CA ASN A 388 -6.19 6.01 15.67
C ASN A 388 -6.18 5.61 17.15
N TRP A 389 -7.06 4.67 17.48
CA TRP A 389 -7.08 4.07 18.80
C TRP A 389 -6.55 2.66 18.68
N TYR A 390 -5.32 2.44 19.17
CA TYR A 390 -4.75 1.11 19.22
C TYR A 390 -5.23 0.49 20.54
N VAL A 391 -6.32 -0.26 20.45
CA VAL A 391 -6.95 -0.86 21.63
C VAL A 391 -5.96 -1.78 22.31
N ASN A 392 -5.29 -2.58 21.49
CA ASN A 392 -4.24 -3.50 21.90
C ASN A 392 -3.44 -3.77 20.62
N ASP A 393 -2.46 -4.68 20.68
CA ASP A 393 -1.63 -4.96 19.51
C ASP A 393 -2.43 -5.51 18.33
N ALA A 394 -3.58 -6.13 18.60
CA ALA A 394 -4.36 -6.75 17.53
C ALA A 394 -5.40 -5.82 16.92
N VAL A 395 -5.98 -4.94 17.73
CA VAL A 395 -7.17 -4.19 17.31
C VAL A 395 -6.92 -2.69 17.24
N LYS A 396 -7.20 -2.09 16.08
CA LYS A 396 -7.06 -0.66 15.89
C LYS A 396 -8.34 -0.09 15.31
N ILE A 397 -8.88 0.92 15.98
CA ILE A 397 -10.10 1.57 15.53
C ILE A 397 -9.75 2.98 15.14
N SER A 398 -10.25 3.42 13.99
CA SER A 398 -9.85 4.72 13.45
CA SER A 398 -9.87 4.74 13.51
C SER A 398 -11.05 5.54 13.01
N ALA A 399 -10.92 6.86 13.07
CA ALA A 399 -11.92 7.75 12.49
C ALA A 399 -11.19 8.93 11.88
N ALA A 400 -11.60 9.34 10.67
CA ALA A 400 -10.91 10.42 10.01
C ALA A 400 -11.85 11.27 9.19
N TYR A 401 -11.59 12.58 9.23
CA TYR A 401 -12.27 13.55 8.36
CA TYR A 401 -12.28 13.51 8.36
C TYR A 401 -11.39 13.80 7.14
N VAL A 402 -11.98 13.80 5.95
CA VAL A 402 -11.23 14.09 4.75
C VAL A 402 -11.91 15.20 3.97
N LYS A 403 -11.13 16.15 3.47
CA LYS A 403 -11.66 17.19 2.58
C LYS A 403 -10.77 17.34 1.35
N ALA A 404 -11.40 17.56 0.20
CA ALA A 404 -10.65 17.67 -1.05
C ALA A 404 -11.12 18.92 -1.74
N LYS A 405 -10.22 19.57 -2.46
CA LYS A 405 -10.55 20.76 -3.25
C LYS A 405 -9.84 20.61 -4.59
N THR A 406 -10.56 20.88 -5.68
CA THR A 406 -10.03 20.64 -7.01
C THR A 406 -9.97 21.91 -7.86
N ASP A 407 -9.18 21.86 -8.93
CA ASP A 407 -9.10 22.96 -9.86
C ASP A 407 -9.21 22.40 -11.27
N LYS A 408 -10.01 23.07 -12.10
CA LYS A 408 -10.27 22.71 -13.50
C LYS A 408 -11.00 21.36 -13.69
N ILE A 409 -11.62 20.87 -12.62
CA ILE A 409 -12.43 19.67 -12.70
C ILE A 409 -13.49 19.73 -11.59
N THR A 410 -14.73 19.36 -11.92
CA THR A 410 -15.82 19.33 -10.95
C THR A 410 -16.59 18.04 -11.14
N ASN A 411 -17.57 17.81 -10.27
CA ASN A 411 -18.55 16.76 -10.56
C ASN A 411 -19.68 17.32 -11.43
N ASN A 412 -20.74 16.55 -11.57
CA ASN A 412 -21.86 16.97 -12.41
C ASN A 412 -22.61 18.15 -11.77
N ASN A 413 -22.45 18.31 -10.46
CA ASN A 413 -23.12 19.37 -9.72
C ASN A 413 -22.33 20.69 -9.76
N GLY A 414 -21.15 20.64 -10.35
CA GLY A 414 -20.25 21.79 -10.35
C GLY A 414 -19.42 21.97 -9.08
N ASP A 415 -19.43 20.97 -8.18
CA ASP A 415 -18.67 21.06 -6.93
C ASP A 415 -17.18 21.01 -7.20
N ASP A 416 -16.45 21.94 -6.57
CA ASP A 416 -14.99 21.92 -6.62
C ASP A 416 -14.37 21.48 -5.29
N ASP A 417 -15.21 21.00 -4.38
CA ASP A 417 -14.71 20.44 -3.15
C ASP A 417 -15.67 19.38 -2.65
N GLY A 418 -15.22 18.64 -1.64
CA GLY A 418 -16.05 17.60 -1.07
C GLY A 418 -15.51 17.20 0.28
N ASP A 419 -16.35 16.51 1.05
CA ASP A 419 -16.02 16.12 2.41
C ASP A 419 -16.35 14.65 2.59
N GLY A 420 -15.63 13.99 3.49
CA GLY A 420 -15.98 12.63 3.81
C GLY A 420 -15.52 12.30 5.21
N PHE A 421 -16.12 11.27 5.76
CA PHE A 421 -15.70 10.72 7.03
CA PHE A 421 -15.64 10.71 7.00
C PHE A 421 -15.55 9.22 6.86
N VAL A 422 -14.47 8.64 7.38
CA VAL A 422 -14.33 7.20 7.30
C VAL A 422 -13.98 6.64 8.67
N THR A 423 -14.59 5.52 9.03
CA THR A 423 -14.26 4.80 10.24
CA THR A 423 -14.20 4.83 10.24
C THR A 423 -13.81 3.41 9.87
N ARG A 424 -12.81 2.89 10.58
CA ARG A 424 -12.32 1.54 10.34
C ARG A 424 -12.12 0.77 11.63
N LEU A 425 -12.50 -0.51 11.60
CA LEU A 425 -12.13 -1.44 12.64
C LEU A 425 -11.15 -2.41 12.00
N GLN A 426 -9.93 -2.46 12.53
CA GLN A 426 -8.91 -3.36 12.02
C GLN A 426 -8.60 -4.41 13.06
N TYR A 427 -8.53 -5.67 12.62
CA TYR A 427 -8.10 -6.76 13.47
C TYR A 427 -6.94 -7.47 12.78
N VAL A 428 -5.81 -7.53 13.47
CA VAL A 428 -4.64 -8.21 12.94
C VAL A 428 -4.39 -9.46 13.77
N PHE A 429 -4.16 -10.59 13.11
CA PHE A 429 -3.90 -11.84 13.80
C PHE A 429 -2.75 -12.61 13.18
O12 C8E B . -13.43 -1.57 26.49
C13 C8E B . -13.55 -1.27 25.11
C14 C8E B . -15.02 -1.31 24.72
O15 C8E B . -15.15 -1.78 23.41
C16 C8E B . -16.11 -1.06 22.67
C17 C8E B . -15.95 -1.38 21.18
O18 C8E B . -16.98 -2.24 20.77
C3 C8E C . -11.34 6.37 17.24
C4 C8E C . -12.33 6.22 18.39
C5 C8E C . -13.51 5.35 17.99
C6 C8E C . -14.22 4.72 19.19
C7 C8E C . -14.69 3.30 18.83
C8 C8E C . -16.04 2.91 19.44
O9 C8E C . -16.73 2.04 18.56
C10 C8E C . -15.88 1.04 18.03
C11 C8E C . -16.61 -0.28 17.76
O12 C8E C . -17.14 -0.31 16.45
C13 C8E C . -16.13 -0.33 15.45
C14 C8E C . -16.44 0.76 14.43
O15 C8E C . -16.73 0.13 13.21
C16 C8E C . -16.11 0.81 12.14
C17 C8E C . -16.08 -0.08 10.89
O18 C8E C . -17.31 -0.13 10.21
C19 C8E C . -18.24 -1.05 10.75
C20 C8E C . -17.89 -2.47 10.31
O21 C8E C . -19.06 -3.27 10.20
C1 C8E D . 12.61 15.39 2.00
C2 C8E D . 11.44 14.99 1.09
C3 C8E D . 10.22 15.86 1.38
C4 C8E D . 9.31 15.95 0.18
C5 C8E D . 9.10 17.40 -0.23
C6 C8E D . 7.69 17.88 0.12
C7 C8E D . 7.47 19.28 -0.44
C2 C8E E . 14.71 15.02 7.05
C3 C8E E . 13.27 15.20 6.56
C4 C8E E . 12.36 15.59 7.72
C5 C8E E . 10.90 15.37 7.36
C6 C8E E . 10.21 16.71 7.18
C7 C8E E . 8.91 16.55 6.40
C8 C8E E . 8.17 17.88 6.30
O9 C8E E . 7.13 17.91 7.25
O15 C8E F . 18.22 -4.78 -11.16
C16 C8E F . 17.97 -5.55 -10.01
C17 C8E F . 17.93 -7.03 -10.38
O18 C8E F . 17.97 -7.79 -9.19
C19 C8E F . 17.11 -8.90 -9.22
C20 C8E F . 17.78 -10.07 -8.51
#